data_1DFJ
#
_entry.id   1DFJ
#
_cell.length_a   133.300
_cell.length_b   133.300
_cell.length_c   86.700
_cell.angle_alpha   90.00
_cell.angle_beta   90.00
_cell.angle_gamma   90.00
#
_symmetry.space_group_name_H-M   'I 4'
#
loop_
_entity.id
_entity.type
_entity.pdbx_description
1 polymer 'RIBONUCLEASE A'
2 polymer 'RIBONUCLEASE INHIBITOR'
3 non-polymer 'SULFATE ION'
4 water water
#
loop_
_entity_poly.entity_id
_entity_poly.type
_entity_poly.pdbx_seq_one_letter_code
_entity_poly.pdbx_strand_id
1 'polypeptide(L)'
;KETAAAKFERQHMDSSTSAASSSNYCNQMMKSRNLTKDRCKPVNTFVHESLADVQAVCSQKNVACKNGQTNCYQSYSTMS
ITDCRETGSSKYPNCAYKTTQANKHIIVACEGNPYVPVHFDASV
;
E
2 'polypeptide(L)'
;(ACE)MNLDIHCEQLSDARWTELLPLLQQYEVVRLDDCGLTEEHCKDIGSALRANPSLTELCLRTNELGDAGVHLVLQGL
QSPTCKIQKLSLQNCSLTEAGCGVLPSTLRSLPTLRELHLSDNPLGDAGLRLLCEGLLDPQCHLEKLQLEYCRLTAASCE
PLASVLRATRALKELTVSNNDIGEAGARVLGQGLADSACQLETLRLENCGLTPANCKDLCGIVASQASLRELDLGSNGLG
DAGIAELCPGLLSPASRLKTLWLWECDITASGCRDLCRVLQAKETLKELSLAGNKLGDEGARLLCESLLQPGCQLESLWV
KSCSLTAACCQHVSLMLTQNKHLLELQLSSNKLGDSGIQELCQALSQPGTTLRVLCLGDCEVTNSGCSSLASLLLANRSL
RELDLSNNCVGDPGVLQLLGSLEQPGCALEQLVLYDTYWTEEVEDRLQALEGSKPGLRVIS
;
I
#
loop_
_chem_comp.id
_chem_comp.type
_chem_comp.name
_chem_comp.formula
ACE non-polymer 'ACETYL GROUP' 'C2 H4 O'
SO4 non-polymer 'SULFATE ION' 'O4 S -2'
#
# COMPACT_ATOMS: atom_id res chain seq x y z
N LYS A 1 -8.70 -22.14 -15.66
CA LYS A 1 -9.40 -23.06 -14.71
C LYS A 1 -9.76 -22.24 -13.46
N GLU A 2 -9.38 -22.78 -12.30
CA GLU A 2 -9.68 -22.21 -10.99
C GLU A 2 -11.19 -22.16 -10.75
N THR A 3 -11.63 -23.23 -10.12
CA THR A 3 -13.00 -23.43 -9.75
C THR A 3 -13.20 -22.44 -8.62
N ALA A 4 -14.38 -21.86 -8.49
CA ALA A 4 -14.61 -20.91 -7.40
C ALA A 4 -14.30 -21.54 -6.02
N ALA A 5 -14.26 -22.87 -5.96
CA ALA A 5 -13.92 -23.53 -4.71
C ALA A 5 -12.41 -23.43 -4.53
N ALA A 6 -11.67 -23.43 -5.65
CA ALA A 6 -10.23 -23.30 -5.60
C ALA A 6 -9.87 -21.84 -5.25
N LYS A 7 -10.55 -20.87 -5.89
CA LYS A 7 -10.32 -19.45 -5.64
C LYS A 7 -10.43 -19.24 -4.15
N PHE A 8 -11.44 -19.86 -3.54
CA PHE A 8 -11.61 -19.78 -2.10
C PHE A 8 -10.41 -20.41 -1.32
N GLU A 9 -10.07 -21.66 -1.64
CA GLU A 9 -8.95 -22.35 -0.99
C GLU A 9 -7.69 -21.48 -1.04
N ARG A 10 -7.47 -20.81 -2.17
CA ARG A 10 -6.32 -19.95 -2.38
C ARG A 10 -6.48 -18.62 -1.66
N GLN A 11 -7.59 -17.95 -1.90
CA GLN A 11 -7.82 -16.65 -1.30
C GLN A 11 -8.07 -16.56 0.19
N HIS A 12 -8.52 -17.62 0.86
CA HIS A 12 -8.79 -17.47 2.29
C HIS A 12 -8.39 -18.58 3.27
N MET A 13 -7.57 -19.56 2.87
CA MET A 13 -7.21 -20.64 3.80
C MET A 13 -5.75 -20.73 4.26
N ASP A 14 -5.54 -20.90 5.56
CA ASP A 14 -4.19 -21.06 6.05
C ASP A 14 -4.24 -22.05 7.19
N SER A 15 -4.35 -23.33 6.87
CA SER A 15 -4.43 -24.35 7.91
C SER A 15 -3.15 -24.56 8.73
N SER A 16 -2.03 -24.03 8.26
CA SER A 16 -0.74 -24.21 8.95
C SER A 16 -0.50 -23.39 10.22
N THR A 17 -0.62 -22.06 10.16
CA THR A 17 -0.41 -21.29 11.39
C THR A 17 -1.74 -21.40 12.08
N SER A 18 -1.76 -21.48 13.42
CA SER A 18 -3.02 -21.55 14.16
C SER A 18 -3.44 -20.14 14.58
N ALA A 19 -2.57 -19.18 14.27
CA ALA A 19 -2.77 -17.79 14.60
C ALA A 19 -1.65 -17.09 13.87
N ALA A 20 -1.85 -15.80 13.59
CA ALA A 20 -0.86 -14.99 12.89
C ALA A 20 0.38 -14.76 13.75
N SER A 21 1.54 -15.07 13.17
CA SER A 21 2.81 -14.90 13.84
C SER A 21 3.02 -13.44 14.26
N SER A 22 3.18 -12.55 13.28
CA SER A 22 3.46 -11.13 13.54
C SER A 22 2.47 -10.11 13.01
N SER A 23 2.88 -8.84 13.07
CA SER A 23 2.06 -7.75 12.55
C SER A 23 2.44 -7.59 11.08
N ASN A 24 3.38 -8.43 10.63
CA ASN A 24 3.86 -8.40 9.25
C ASN A 24 3.42 -9.60 8.40
N TYR A 25 2.44 -10.33 8.91
CA TYR A 25 1.89 -11.52 8.25
C TYR A 25 1.20 -11.26 6.90
N CYS A 26 0.18 -10.42 6.95
CA CYS A 26 -0.60 -10.10 5.78
C CYS A 26 0.23 -9.63 4.60
N ASN A 27 1.10 -8.66 4.81
CA ASN A 27 1.92 -8.15 3.72
C ASN A 27 2.51 -9.25 2.82
N GLN A 28 2.82 -10.41 3.42
CA GLN A 28 3.39 -11.53 2.69
C GLN A 28 2.32 -12.37 2.04
N MET A 29 1.36 -12.83 2.84
CA MET A 29 0.25 -13.64 2.33
C MET A 29 -0.44 -13.03 1.12
N MET A 30 -0.84 -11.76 1.23
CA MET A 30 -1.51 -11.08 0.13
C MET A 30 -0.70 -11.18 -1.13
N LYS A 31 0.61 -11.28 -0.93
CA LYS A 31 1.55 -11.38 -2.01
C LYS A 31 1.64 -12.78 -2.53
N SER A 32 1.79 -13.74 -1.62
CA SER A 32 1.91 -15.14 -2.01
C SER A 32 0.60 -15.83 -2.27
N ARG A 33 -0.41 -15.05 -2.62
CA ARG A 33 -1.71 -15.60 -2.90
C ARG A 33 -2.30 -14.77 -4.00
N ASN A 34 -1.43 -13.98 -4.64
CA ASN A 34 -1.76 -13.12 -5.78
C ASN A 34 -2.90 -12.12 -5.59
N LEU A 35 -3.08 -11.67 -4.36
CA LEU A 35 -4.13 -10.74 -4.07
C LEU A 35 -3.71 -9.31 -4.36
N THR A 36 -2.39 -9.12 -4.50
CA THR A 36 -1.85 -7.82 -4.80
C THR A 36 -1.18 -7.87 -6.17
N LYS A 37 -1.72 -8.69 -7.08
CA LYS A 37 -1.17 -8.85 -8.42
C LYS A 37 -1.51 -7.74 -9.41
N ASP A 38 -2.79 -7.59 -9.75
CA ASP A 38 -3.23 -6.54 -10.68
C ASP A 38 -3.36 -5.18 -9.97
N ARG A 39 -3.82 -5.28 -8.72
CA ARG A 39 -4.00 -4.15 -7.84
C ARG A 39 -4.03 -4.72 -6.41
N CYS A 40 -4.14 -3.88 -5.41
CA CYS A 40 -4.14 -4.37 -4.03
C CYS A 40 -5.53 -4.74 -3.62
N LYS A 41 -5.72 -5.97 -3.14
CA LYS A 41 -7.04 -6.34 -2.69
C LYS A 41 -7.28 -5.52 -1.45
N PRO A 42 -8.38 -4.76 -1.43
CA PRO A 42 -8.76 -3.90 -0.30
C PRO A 42 -8.80 -4.58 1.08
N VAL A 43 -9.37 -5.77 1.18
CA VAL A 43 -9.43 -6.49 2.46
C VAL A 43 -9.48 -7.99 2.16
N ASN A 44 -9.03 -8.83 3.09
CA ASN A 44 -9.07 -10.29 2.91
C ASN A 44 -8.87 -10.91 4.29
N THR A 45 -9.54 -12.03 4.54
CA THR A 45 -9.43 -12.69 5.82
C THR A 45 -8.94 -14.12 5.65
N PHE A 46 -8.11 -14.57 6.56
CA PHE A 46 -7.59 -15.90 6.47
C PHE A 46 -8.08 -16.66 7.65
N VAL A 47 -8.51 -17.89 7.43
CA VAL A 47 -9.01 -18.76 8.51
C VAL A 47 -7.93 -19.79 8.89
N HIS A 48 -7.73 -19.98 10.20
CA HIS A 48 -6.70 -20.86 10.73
C HIS A 48 -7.13 -22.21 11.27
N GLU A 49 -8.22 -22.75 10.73
CA GLU A 49 -8.70 -24.05 11.14
C GLU A 49 -8.40 -25.00 9.98
N SER A 50 -8.59 -26.29 10.19
CA SER A 50 -8.35 -27.26 9.13
C SER A 50 -9.47 -27.10 8.10
N LEU A 51 -9.22 -27.52 6.85
CA LEU A 51 -10.22 -27.40 5.79
C LEU A 51 -11.56 -28.11 6.00
N ALA A 52 -11.53 -29.33 6.53
CA ALA A 52 -12.76 -30.09 6.78
C ALA A 52 -13.56 -29.48 7.92
N ASP A 53 -12.85 -28.85 8.85
CA ASP A 53 -13.48 -28.18 9.98
C ASP A 53 -14.14 -26.89 9.42
N VAL A 54 -13.83 -26.55 8.16
CA VAL A 54 -14.39 -25.37 7.48
C VAL A 54 -15.45 -25.72 6.41
N GLN A 55 -15.21 -26.82 5.69
CA GLN A 55 -16.15 -27.29 4.65
C GLN A 55 -17.44 -27.80 5.30
N ALA A 56 -17.40 -28.01 6.62
CA ALA A 56 -18.55 -28.48 7.36
C ALA A 56 -19.55 -27.38 7.73
N VAL A 57 -19.20 -26.11 7.44
CA VAL A 57 -20.09 -25.00 7.75
C VAL A 57 -21.28 -24.96 6.80
N CYS A 58 -21.14 -25.63 5.67
CA CYS A 58 -22.18 -25.68 4.66
C CYS A 58 -23.45 -26.46 4.99
N SER A 59 -23.36 -27.31 6.00
CA SER A 59 -24.50 -28.09 6.46
C SER A 59 -24.83 -27.63 7.89
N GLN A 60 -24.41 -26.41 8.20
CA GLN A 60 -24.63 -25.79 9.50
C GLN A 60 -25.71 -24.71 9.40
N LYS A 61 -25.66 -23.74 10.32
CA LYS A 61 -26.62 -22.65 10.37
C LYS A 61 -26.79 -21.88 9.05
N ASN A 62 -28.01 -21.87 8.51
CA ASN A 62 -28.28 -21.15 7.27
C ASN A 62 -28.64 -19.70 7.60
N VAL A 63 -27.92 -18.72 7.02
CA VAL A 63 -28.14 -17.28 7.23
C VAL A 63 -28.13 -16.57 5.88
N ALA A 64 -28.74 -15.39 5.84
CA ALA A 64 -28.78 -14.61 4.63
C ALA A 64 -27.51 -13.80 4.61
N CYS A 65 -26.87 -13.74 3.44
CA CYS A 65 -25.64 -12.96 3.27
C CYS A 65 -25.93 -11.46 3.32
N LYS A 66 -24.86 -10.69 3.24
CA LYS A 66 -24.95 -9.24 3.30
C LYS A 66 -25.69 -8.68 2.12
N ASN A 67 -25.76 -9.44 1.04
CA ASN A 67 -26.48 -8.99 -0.14
C ASN A 67 -27.87 -9.61 -0.30
N GLY A 68 -28.41 -10.19 0.78
CA GLY A 68 -29.76 -10.74 0.75
C GLY A 68 -29.99 -12.11 0.14
N GLN A 69 -28.95 -12.78 -0.32
CA GLN A 69 -29.10 -14.11 -0.86
C GLN A 69 -29.09 -15.07 0.29
N THR A 70 -29.75 -16.20 0.12
CA THR A 70 -29.92 -17.15 1.22
C THR A 70 -28.98 -18.30 1.47
N ASN A 71 -27.97 -18.45 0.63
CA ASN A 71 -27.06 -19.58 0.81
C ASN A 71 -25.81 -19.36 1.62
N CYS A 72 -25.90 -18.58 2.69
CA CYS A 72 -24.74 -18.35 3.52
C CYS A 72 -24.87 -19.00 4.90
N TYR A 73 -24.12 -20.07 5.09
CA TYR A 73 -24.14 -20.81 6.33
C TYR A 73 -23.10 -20.25 7.30
N GLN A 74 -23.50 -19.90 8.51
CA GLN A 74 -22.58 -19.38 9.51
C GLN A 74 -22.18 -20.48 10.50
N SER A 75 -20.90 -20.57 10.82
CA SER A 75 -20.38 -21.58 11.75
C SER A 75 -20.61 -21.26 13.23
N TYR A 76 -20.73 -22.30 14.05
CA TYR A 76 -20.95 -22.14 15.48
C TYR A 76 -19.69 -21.79 16.25
N SER A 77 -18.62 -22.52 15.96
CA SER A 77 -17.33 -22.36 16.63
C SER A 77 -16.64 -21.05 16.30
N THR A 78 -16.10 -20.39 17.32
CA THR A 78 -15.36 -19.16 17.09
C THR A 78 -14.06 -19.72 16.53
N MET A 79 -13.80 -19.42 15.26
CA MET A 79 -12.59 -19.90 14.60
C MET A 79 -11.52 -18.87 14.65
N SER A 80 -10.28 -19.32 14.60
CA SER A 80 -9.12 -18.43 14.64
C SER A 80 -8.95 -17.85 13.24
N ILE A 81 -9.12 -16.54 13.13
CA ILE A 81 -9.03 -15.82 11.85
C ILE A 81 -8.01 -14.70 11.90
N THR A 82 -7.85 -14.01 10.77
CA THR A 82 -6.94 -12.87 10.64
C THR A 82 -7.47 -11.90 9.57
N ASP A 83 -7.69 -10.65 9.97
CA ASP A 83 -8.18 -9.59 9.07
C ASP A 83 -7.03 -8.80 8.48
N CYS A 84 -6.85 -8.92 7.17
CA CYS A 84 -5.83 -8.17 6.50
C CYS A 84 -6.55 -6.98 5.95
N ARG A 85 -6.00 -5.80 6.19
CA ARG A 85 -6.66 -4.55 5.78
C ARG A 85 -5.65 -3.52 5.29
N GLU A 86 -5.78 -3.13 4.03
CA GLU A 86 -4.90 -2.14 3.43
C GLU A 86 -4.68 -0.95 4.38
N THR A 87 -3.47 -0.40 4.36
CA THR A 87 -3.13 0.77 5.18
C THR A 87 -3.20 2.04 4.33
N GLY A 88 -3.21 3.20 4.98
CA GLY A 88 -3.27 4.45 4.25
C GLY A 88 -2.13 4.64 3.25
N SER A 89 -1.00 4.00 3.52
CA SER A 89 0.21 4.09 2.66
C SER A 89 0.33 2.99 1.60
N SER A 90 -0.82 2.53 1.11
CA SER A 90 -0.89 1.47 0.14
C SER A 90 -1.18 1.94 -1.31
N LYS A 91 -0.26 2.68 -1.92
CA LYS A 91 -0.50 3.12 -3.29
C LYS A 91 0.05 2.09 -4.28
N TYR A 92 -0.84 1.26 -4.82
CA TYR A 92 -0.45 0.22 -5.76
C TYR A 92 0.34 0.80 -6.90
N PRO A 93 1.40 0.08 -7.32
CA PRO A 93 1.97 -1.21 -6.90
C PRO A 93 2.44 -1.42 -5.47
N ASN A 94 2.60 -0.33 -4.74
CA ASN A 94 3.06 -0.45 -3.36
C ASN A 94 1.87 -0.73 -2.48
N CYS A 95 1.71 -2.02 -2.08
CA CYS A 95 0.59 -2.47 -1.23
C CYS A 95 1.02 -2.71 0.22
N ALA A 96 0.18 -2.33 1.18
CA ALA A 96 0.51 -2.48 2.61
C ALA A 96 -0.72 -2.85 3.41
N TYR A 97 -0.55 -3.71 4.41
CA TYR A 97 -1.66 -4.18 5.25
C TYR A 97 -1.44 -4.13 6.77
N LYS A 98 -2.54 -3.95 7.50
CA LYS A 98 -2.52 -3.94 8.95
C LYS A 98 -3.09 -5.29 9.37
N THR A 99 -2.31 -6.02 10.12
CA THR A 99 -2.74 -7.32 10.58
C THR A 99 -3.38 -7.28 11.93
N THR A 100 -4.55 -7.89 11.98
CA THR A 100 -5.30 -7.99 13.21
C THR A 100 -5.70 -9.44 13.33
N GLN A 101 -5.30 -10.08 14.42
CA GLN A 101 -5.68 -11.47 14.65
C GLN A 101 -6.93 -11.39 15.52
N ALA A 102 -7.76 -12.43 15.47
CA ALA A 102 -9.01 -12.48 16.25
C ALA A 102 -9.69 -13.83 16.07
N ASN A 103 -10.49 -14.22 17.05
CA ASN A 103 -11.24 -15.50 17.04
C ASN A 103 -12.71 -15.08 16.90
N LYS A 104 -13.37 -15.47 15.81
CA LYS A 104 -14.77 -15.10 15.61
C LYS A 104 -15.51 -16.16 14.82
N HIS A 105 -16.85 -16.02 14.79
CA HIS A 105 -17.68 -16.93 14.02
C HIS A 105 -17.45 -16.42 12.59
N ILE A 106 -17.49 -17.32 11.63
CA ILE A 106 -17.28 -16.92 10.24
C ILE A 106 -18.41 -17.37 9.30
N ILE A 107 -19.11 -16.41 8.69
CA ILE A 107 -20.18 -16.72 7.75
C ILE A 107 -19.53 -16.86 6.38
N VAL A 108 -19.97 -17.84 5.61
CA VAL A 108 -19.42 -18.06 4.29
C VAL A 108 -20.56 -18.54 3.41
N ALA A 109 -20.39 -18.47 2.09
CA ALA A 109 -21.40 -18.92 1.14
C ALA A 109 -21.07 -20.31 0.62
N CYS A 110 -22.08 -21.12 0.31
CA CYS A 110 -21.85 -22.48 -0.21
C CYS A 110 -22.57 -22.62 -1.54
N GLU A 111 -22.02 -23.39 -2.46
CA GLU A 111 -22.65 -23.53 -3.77
C GLU A 111 -22.45 -24.92 -4.37
N GLY A 112 -23.55 -25.48 -4.90
CA GLY A 112 -23.50 -26.79 -5.51
C GLY A 112 -23.70 -27.98 -4.57
N ASN A 113 -23.18 -29.12 -5.01
CA ASN A 113 -23.22 -30.39 -4.29
C ASN A 113 -22.17 -31.23 -5.05
N PRO A 114 -21.03 -31.59 -4.41
CA PRO A 114 -20.58 -31.31 -3.03
C PRO A 114 -20.78 -29.86 -2.61
N TYR A 115 -21.57 -29.69 -1.54
CA TYR A 115 -21.88 -28.37 -1.01
C TYR A 115 -20.63 -27.79 -0.33
N VAL A 116 -19.73 -27.25 -1.15
CA VAL A 116 -18.49 -26.65 -0.68
C VAL A 116 -18.67 -25.13 -0.57
N PRO A 117 -17.81 -24.45 0.21
CA PRO A 117 -17.87 -22.99 0.39
C PRO A 117 -17.13 -22.29 -0.74
N VAL A 118 -17.68 -21.18 -1.20
CA VAL A 118 -17.08 -20.44 -2.30
C VAL A 118 -16.93 -18.88 -2.17
N HIS A 119 -16.98 -18.35 -0.94
CA HIS A 119 -16.83 -16.91 -0.71
C HIS A 119 -16.95 -16.57 0.76
N PHE A 120 -15.98 -15.84 1.26
CA PHE A 120 -15.95 -15.44 2.67
C PHE A 120 -16.82 -14.20 2.80
N ASP A 121 -17.84 -14.27 3.66
CA ASP A 121 -18.76 -13.16 3.83
C ASP A 121 -18.49 -12.21 5.02
N ALA A 122 -18.42 -12.76 6.24
CA ALA A 122 -18.19 -11.93 7.42
C ALA A 122 -17.95 -12.71 8.72
N SER A 123 -17.48 -12.00 9.73
CA SER A 123 -17.20 -12.57 11.02
C SER A 123 -18.13 -11.94 12.04
N VAL A 124 -18.39 -12.67 13.12
CA VAL A 124 -19.23 -12.19 14.22
C VAL A 124 -18.90 -12.99 15.48
C ACE B 1 20.85 -14.87 -17.46
O ACE B 1 21.51 -14.38 -18.37
CH3 ACE B 1 20.74 -16.36 -17.33
N MET B 2 20.20 -14.15 -16.56
CA MET B 2 20.22 -12.68 -16.55
C MET B 2 19.71 -12.16 -15.20
N ASN B 3 18.44 -12.45 -14.89
CA ASN B 3 17.81 -12.01 -13.65
C ASN B 3 17.23 -13.19 -12.93
N LEU B 4 17.76 -13.49 -11.77
CA LEU B 4 17.21 -14.59 -11.01
C LEU B 4 16.00 -13.99 -10.33
N ASP B 5 15.00 -14.83 -10.10
CA ASP B 5 13.82 -14.33 -9.47
C ASP B 5 12.91 -15.36 -8.83
N ILE B 6 13.47 -16.27 -8.04
CA ILE B 6 12.60 -17.22 -7.37
C ILE B 6 11.95 -16.29 -6.34
N HIS B 7 10.64 -16.35 -6.24
CA HIS B 7 9.94 -15.53 -5.26
C HIS B 7 8.69 -16.27 -4.76
N CYS B 8 8.72 -16.63 -3.48
CA CYS B 8 7.66 -17.38 -2.78
C CYS B 8 7.73 -18.91 -3.02
N GLU B 9 8.80 -19.36 -3.70
CA GLU B 9 9.03 -20.77 -3.99
C GLU B 9 9.95 -21.32 -2.88
N GLN B 10 9.55 -22.38 -2.17
CA GLN B 10 10.45 -22.96 -1.16
C GLN B 10 11.42 -23.82 -2.00
N LEU B 11 12.59 -23.24 -2.28
CA LEU B 11 13.62 -23.87 -3.11
C LEU B 11 14.16 -25.22 -2.68
N SER B 12 14.03 -26.15 -3.63
CA SER B 12 14.50 -27.52 -3.51
C SER B 12 16.01 -27.43 -3.54
N ASP B 13 16.61 -28.35 -2.81
CA ASP B 13 18.06 -28.40 -2.71
C ASP B 13 18.72 -28.60 -4.09
N ALA B 14 17.97 -29.16 -5.03
CA ALA B 14 18.47 -29.37 -6.38
C ALA B 14 18.42 -28.07 -7.18
N ARG B 15 17.32 -27.31 -7.04
CA ARG B 15 17.19 -26.05 -7.75
C ARG B 15 18.22 -25.08 -7.21
N TRP B 16 18.54 -25.16 -5.91
CA TRP B 16 19.54 -24.24 -5.36
C TRP B 16 20.91 -24.53 -5.97
N THR B 17 21.21 -25.80 -6.17
CA THR B 17 22.50 -26.23 -6.74
C THR B 17 22.56 -25.94 -8.26
N GLU B 18 21.42 -26.05 -8.92
CA GLU B 18 21.38 -25.76 -10.34
C GLU B 18 21.70 -24.27 -10.42
N LEU B 19 21.07 -23.49 -9.53
CA LEU B 19 21.18 -22.02 -9.45
C LEU B 19 22.56 -21.50 -9.21
N LEU B 20 23.19 -22.08 -8.18
CA LEU B 20 24.53 -21.70 -7.74
C LEU B 20 25.53 -21.08 -8.74
N PRO B 21 25.95 -21.84 -9.78
CA PRO B 21 26.89 -21.29 -10.77
C PRO B 21 26.37 -20.06 -11.56
N LEU B 22 25.05 -19.89 -11.54
CA LEU B 22 24.42 -18.79 -12.23
C LEU B 22 24.51 -17.53 -11.41
N LEU B 23 24.61 -17.69 -10.10
CA LEU B 23 24.75 -16.57 -9.19
C LEU B 23 25.98 -15.75 -9.56
N GLN B 24 26.97 -16.41 -10.15
CA GLN B 24 28.20 -15.75 -10.58
C GLN B 24 28.01 -15.12 -11.95
N GLN B 25 26.85 -15.36 -12.57
CA GLN B 25 26.58 -14.80 -13.89
C GLN B 25 25.43 -13.74 -13.90
N TYR B 26 24.42 -13.94 -13.04
CA TYR B 26 23.25 -13.05 -12.94
C TYR B 26 23.56 -11.56 -12.62
N GLU B 27 22.91 -10.63 -13.30
CA GLU B 27 23.09 -9.19 -13.07
C GLU B 27 22.25 -8.78 -11.85
N VAL B 28 21.09 -9.41 -11.75
CA VAL B 28 20.12 -9.16 -10.70
C VAL B 28 19.67 -10.47 -10.06
N VAL B 29 19.51 -10.47 -8.74
CA VAL B 29 19.08 -11.65 -8.04
C VAL B 29 18.06 -11.20 -7.02
N ARG B 30 16.94 -11.89 -6.95
CA ARG B 30 15.90 -11.54 -6.02
C ARG B 30 15.38 -12.77 -5.37
N LEU B 31 16.15 -13.33 -4.47
CA LEU B 31 15.70 -14.52 -3.80
C LEU B 31 14.75 -14.16 -2.64
N ASP B 32 13.63 -13.51 -2.94
CA ASP B 32 12.61 -13.12 -1.95
C ASP B 32 11.72 -14.27 -1.42
N ASP B 33 11.71 -14.47 -0.10
CA ASP B 33 10.85 -15.48 0.56
C ASP B 33 10.97 -16.92 0.09
N CYS B 34 12.19 -17.39 -0.10
CA CYS B 34 12.40 -18.77 -0.50
C CYS B 34 12.77 -19.53 0.76
N GLY B 35 13.15 -20.79 0.63
CA GLY B 35 13.52 -21.51 1.85
C GLY B 35 14.87 -21.06 2.39
N LEU B 36 15.38 -19.93 1.91
CA LEU B 36 16.69 -19.43 2.30
C LEU B 36 16.99 -19.35 3.78
N THR B 37 18.22 -19.70 4.10
CA THR B 37 18.72 -19.71 5.46
C THR B 37 20.21 -19.49 5.42
N GLU B 38 20.84 -19.70 6.56
CA GLU B 38 22.26 -19.55 6.70
C GLU B 38 23.02 -20.46 5.73
N GLU B 39 22.47 -21.64 5.51
CA GLU B 39 23.08 -22.62 4.62
C GLU B 39 23.22 -22.06 3.22
N HIS B 40 22.13 -21.54 2.70
CA HIS B 40 22.13 -20.96 1.36
C HIS B 40 23.05 -19.76 1.32
N CYS B 41 23.07 -19.01 2.41
CA CYS B 41 23.88 -17.80 2.54
C CYS B 41 25.36 -18.06 2.34
N LYS B 42 25.78 -19.26 2.68
CA LYS B 42 27.17 -19.63 2.54
C LYS B 42 27.58 -19.57 1.07
N ASP B 43 26.75 -20.19 0.24
CA ASP B 43 26.92 -20.28 -1.21
C ASP B 43 26.69 -18.94 -1.84
N ILE B 44 25.71 -18.22 -1.32
CA ILE B 44 25.43 -16.91 -1.86
C ILE B 44 26.72 -16.10 -1.66
N GLY B 45 27.27 -16.13 -0.45
CA GLY B 45 28.47 -15.37 -0.15
C GLY B 45 29.58 -15.65 -1.14
N SER B 46 29.92 -16.93 -1.24
CA SER B 46 30.97 -17.38 -2.15
C SER B 46 30.70 -16.90 -3.57
N ALA B 47 29.51 -17.19 -4.05
CA ALA B 47 29.10 -16.80 -5.38
C ALA B 47 29.07 -15.28 -5.51
N LEU B 48 28.92 -14.57 -4.40
CA LEU B 48 28.86 -13.12 -4.47
C LEU B 48 30.21 -12.51 -4.77
N ARG B 49 31.27 -13.08 -4.21
CA ARG B 49 32.64 -12.58 -4.39
C ARG B 49 33.25 -12.83 -5.77
N ALA B 50 32.64 -13.72 -6.53
CA ALA B 50 33.17 -14.03 -7.85
C ALA B 50 32.32 -13.53 -9.02
N ASN B 51 31.26 -12.77 -8.73
CA ASN B 51 30.36 -12.21 -9.78
C ASN B 51 30.74 -10.76 -10.08
N PRO B 52 31.31 -10.50 -11.26
CA PRO B 52 31.72 -9.15 -11.63
C PRO B 52 30.68 -8.21 -12.19
N SER B 53 29.47 -8.72 -12.44
CA SER B 53 28.41 -7.91 -13.05
C SER B 53 27.18 -7.58 -12.22
N LEU B 54 26.92 -8.37 -11.17
CA LEU B 54 25.75 -8.17 -10.29
C LEU B 54 25.61 -6.73 -9.86
N THR B 55 24.39 -6.19 -9.89
CA THR B 55 24.15 -4.81 -9.49
C THR B 55 23.00 -4.65 -8.51
N GLU B 56 22.36 -5.75 -8.16
CA GLU B 56 21.28 -5.67 -7.20
C GLU B 56 21.13 -7.03 -6.59
N LEU B 57 21.14 -7.09 -5.26
CA LEU B 57 20.97 -8.35 -4.55
C LEU B 57 19.76 -8.07 -3.64
N CYS B 58 18.78 -8.98 -3.59
CA CYS B 58 17.59 -8.81 -2.73
C CYS B 58 17.28 -10.14 -2.08
N LEU B 59 17.69 -10.27 -0.83
CA LEU B 59 17.50 -11.49 -0.05
C LEU B 59 16.34 -11.28 0.92
N ARG B 60 15.25 -10.75 0.39
CA ARG B 60 14.06 -10.43 1.16
C ARG B 60 13.31 -11.58 1.83
N THR B 61 12.62 -11.26 2.92
CA THR B 61 11.82 -12.18 3.69
C THR B 61 12.41 -13.58 3.79
N ASN B 62 13.59 -13.67 4.39
CA ASN B 62 14.29 -14.93 4.54
C ASN B 62 14.92 -14.90 5.92
N GLU B 63 14.83 -16.00 6.67
CA GLU B 63 15.40 -16.05 8.00
C GLU B 63 16.93 -16.22 7.88
N LEU B 64 17.58 -15.39 7.07
CA LEU B 64 19.02 -15.45 6.86
C LEU B 64 19.68 -15.45 8.22
N GLY B 65 19.18 -14.58 9.10
CA GLY B 65 19.69 -14.48 10.45
C GLY B 65 20.97 -13.65 10.58
N ASP B 66 21.46 -13.53 11.80
CA ASP B 66 22.68 -12.78 12.14
C ASP B 66 23.93 -13.44 11.53
N ALA B 67 23.97 -14.77 11.56
CA ALA B 67 25.10 -15.53 11.00
C ALA B 67 25.09 -15.49 9.46
N GLY B 68 23.96 -15.90 8.90
CA GLY B 68 23.76 -15.93 7.46
C GLY B 68 23.94 -14.61 6.75
N VAL B 69 23.62 -13.50 7.42
CA VAL B 69 23.79 -12.20 6.81
C VAL B 69 25.26 -11.84 6.82
N HIS B 70 25.94 -12.19 7.91
CA HIS B 70 27.37 -11.92 8.05
C HIS B 70 28.16 -12.48 6.85
N LEU B 71 27.86 -13.72 6.49
CA LEU B 71 28.52 -14.38 5.37
C LEU B 71 28.13 -13.73 4.02
N VAL B 72 26.84 -13.55 3.76
CA VAL B 72 26.35 -12.92 2.51
C VAL B 72 27.06 -11.58 2.29
N LEU B 73 27.25 -10.86 3.38
CA LEU B 73 27.91 -9.58 3.39
C LEU B 73 29.32 -9.72 2.90
N GLN B 74 30.02 -10.67 3.50
CA GLN B 74 31.39 -10.92 3.14
C GLN B 74 31.55 -11.27 1.67
N GLY B 75 30.44 -11.66 1.03
CA GLY B 75 30.47 -11.95 -0.38
C GLY B 75 30.63 -10.64 -1.13
N LEU B 76 29.91 -9.62 -0.69
CA LEU B 76 29.97 -8.30 -1.33
C LEU B 76 31.32 -7.62 -1.08
N GLN B 77 32.03 -8.10 -0.07
CA GLN B 77 33.34 -7.59 0.29
C GLN B 77 34.47 -8.19 -0.56
N SER B 78 34.52 -7.75 -1.80
CA SER B 78 35.55 -8.16 -2.75
C SER B 78 35.51 -6.97 -3.68
N PRO B 79 36.65 -6.64 -4.30
CA PRO B 79 36.80 -5.51 -5.22
C PRO B 79 35.88 -5.66 -6.42
N THR B 80 35.78 -6.92 -6.83
CA THR B 80 34.98 -7.39 -7.94
C THR B 80 33.53 -6.92 -7.83
N CYS B 81 33.00 -6.96 -6.61
CA CYS B 81 31.63 -6.58 -6.32
C CYS B 81 31.29 -5.13 -6.52
N LYS B 82 30.59 -4.84 -7.60
CA LYS B 82 30.19 -3.48 -7.93
C LYS B 82 28.65 -3.20 -7.81
N ILE B 83 28.05 -3.86 -6.81
CA ILE B 83 26.61 -3.80 -6.51
C ILE B 83 26.17 -2.35 -6.36
N GLN B 84 24.89 -2.08 -6.58
CA GLN B 84 24.34 -0.73 -6.44
C GLN B 84 23.06 -0.69 -5.64
N LYS B 85 22.39 -1.82 -5.51
CA LYS B 85 21.16 -1.87 -4.74
C LYS B 85 21.25 -3.13 -3.93
N LEU B 86 20.97 -3.02 -2.65
CA LEU B 86 20.97 -4.18 -1.78
C LEU B 86 19.82 -4.07 -0.82
N SER B 87 19.04 -5.14 -0.70
CA SER B 87 17.90 -5.21 0.19
C SER B 87 18.00 -6.46 1.05
N LEU B 88 17.62 -6.30 2.30
CA LEU B 88 17.65 -7.41 3.23
C LEU B 88 16.53 -7.16 4.20
N GLN B 89 15.40 -6.81 3.60
CA GLN B 89 14.17 -6.55 4.29
C GLN B 89 13.75 -7.83 4.99
N ASN B 90 13.26 -7.71 6.23
CA ASN B 90 12.77 -8.87 6.97
C ASN B 90 13.72 -10.08 6.98
N CYS B 91 15.02 -9.83 7.08
CA CYS B 91 15.97 -10.92 7.07
C CYS B 91 16.40 -11.40 8.45
N SER B 92 15.61 -11.02 9.45
CA SER B 92 15.87 -11.38 10.84
C SER B 92 17.24 -10.91 11.35
N LEU B 93 17.70 -9.75 10.88
CA LEU B 93 18.98 -9.17 11.29
C LEU B 93 18.84 -8.29 12.56
N THR B 94 19.55 -8.67 13.64
CA THR B 94 19.51 -7.92 14.90
C THR B 94 20.70 -6.98 15.00
N GLU B 95 20.74 -6.14 16.04
CA GLU B 95 21.83 -5.19 16.29
C GLU B 95 23.17 -5.87 16.52
N ALA B 96 23.15 -7.19 16.41
CA ALA B 96 24.32 -8.02 16.58
C ALA B 96 25.02 -8.17 15.21
N GLY B 97 24.27 -8.65 14.22
CA GLY B 97 24.85 -8.85 12.90
C GLY B 97 25.27 -7.54 12.27
N CYS B 98 24.75 -6.43 12.79
CA CYS B 98 25.07 -5.10 12.27
C CYS B 98 26.55 -4.77 12.47
N GLY B 99 27.28 -5.69 13.08
CA GLY B 99 28.69 -5.47 13.31
C GLY B 99 29.53 -5.26 12.06
N VAL B 100 29.15 -5.89 10.94
CA VAL B 100 29.89 -5.77 9.69
C VAL B 100 29.50 -4.62 8.75
N LEU B 101 28.41 -3.92 9.05
CA LEU B 101 27.95 -2.81 8.23
C LEU B 101 29.04 -1.75 7.93
N PRO B 102 29.85 -1.37 8.94
CA PRO B 102 30.92 -0.37 8.74
C PRO B 102 31.99 -0.80 7.74
N SER B 103 32.54 -2.01 7.95
CA SER B 103 33.59 -2.60 7.09
C SER B 103 33.05 -2.69 5.66
N THR B 104 31.79 -3.09 5.61
CA THR B 104 31.03 -3.28 4.39
C THR B 104 30.72 -2.01 3.57
N LEU B 105 30.22 -0.95 4.20
CA LEU B 105 29.91 0.28 3.47
C LEU B 105 31.16 1.01 2.97
N ARG B 106 32.29 0.67 3.58
CA ARG B 106 33.62 1.20 3.28
C ARG B 106 34.07 0.79 1.86
N SER B 107 33.96 -0.51 1.60
CA SER B 107 34.32 -1.14 0.35
C SER B 107 33.39 -0.93 -0.85
N LEU B 108 32.12 -0.62 -0.57
CA LEU B 108 31.11 -0.43 -1.61
C LEU B 108 30.76 0.99 -1.97
N PRO B 109 31.69 1.75 -2.56
CA PRO B 109 31.30 3.12 -2.90
C PRO B 109 30.36 3.12 -4.11
N THR B 110 29.89 1.94 -4.51
CA THR B 110 28.97 1.73 -5.65
C THR B 110 27.53 1.66 -5.15
N LEU B 111 27.39 1.11 -3.95
CA LEU B 111 26.10 0.96 -3.35
C LEU B 111 25.47 2.34 -3.35
N ARG B 112 24.21 2.38 -3.79
CA ARG B 112 23.43 3.60 -3.84
C ARG B 112 22.08 3.48 -3.12
N GLU B 113 21.57 2.25 -3.00
CA GLU B 113 20.28 1.99 -2.37
C GLU B 113 20.40 0.87 -1.31
N LEU B 114 19.79 1.08 -0.14
CA LEU B 114 19.86 0.11 0.95
C LEU B 114 18.56 0.04 1.76
N HIS B 115 18.00 -1.15 1.89
CA HIS B 115 16.75 -1.36 2.60
C HIS B 115 16.99 -2.31 3.76
N LEU B 116 16.79 -1.83 4.97
CA LEU B 116 17.03 -2.65 6.15
C LEU B 116 15.79 -2.81 7.00
N SER B 117 14.68 -2.36 6.46
CA SER B 117 13.42 -2.38 7.17
C SER B 117 12.97 -3.70 7.79
N ASP B 118 12.10 -3.61 8.78
CA ASP B 118 11.56 -4.77 9.45
C ASP B 118 12.62 -5.64 10.07
N ASN B 119 13.69 -5.01 10.51
CA ASN B 119 14.75 -5.75 11.14
C ASN B 119 14.91 -5.04 12.45
N PRO B 120 14.94 -5.80 13.54
CA PRO B 120 15.09 -5.29 14.91
C PRO B 120 16.48 -4.75 15.21
N LEU B 121 16.93 -3.81 14.41
CA LEU B 121 18.24 -3.24 14.60
C LEU B 121 18.36 -2.58 15.97
N GLY B 122 17.27 -1.98 16.43
CA GLY B 122 17.32 -1.29 17.69
C GLY B 122 18.23 -0.12 17.40
N ASP B 123 18.39 0.76 18.37
CA ASP B 123 19.26 1.92 18.17
C ASP B 123 20.71 1.49 18.02
N ALA B 124 21.04 0.37 18.65
CA ALA B 124 22.37 -0.22 18.58
C ALA B 124 22.74 -0.61 17.14
N GLY B 125 21.74 -1.06 16.38
CA GLY B 125 21.99 -1.42 14.99
C GLY B 125 22.10 -0.19 14.14
N LEU B 126 21.23 0.80 14.37
CA LEU B 126 21.32 1.99 13.57
C LEU B 126 22.67 2.68 13.78
N ARG B 127 23.12 2.64 15.02
CA ARG B 127 24.38 3.26 15.41
C ARG B 127 25.54 2.80 14.55
N LEU B 128 25.75 1.49 14.52
CA LEU B 128 26.81 0.90 13.71
C LEU B 128 26.54 1.20 12.22
N LEU B 129 25.26 1.29 11.84
CA LEU B 129 24.88 1.58 10.47
C LEU B 129 25.40 2.97 10.07
N CYS B 130 25.35 3.91 11.00
CA CYS B 130 25.80 5.27 10.75
C CYS B 130 27.33 5.46 10.66
N GLU B 131 28.10 4.53 11.21
CA GLU B 131 29.58 4.59 11.16
C GLU B 131 30.10 4.34 9.76
N GLY B 132 29.27 3.67 8.98
CA GLY B 132 29.56 3.38 7.60
C GLY B 132 29.07 4.56 6.77
N LEU B 133 27.85 5.00 7.04
CA LEU B 133 27.23 6.12 6.33
C LEU B 133 28.06 7.38 6.26
N LEU B 134 29.00 7.50 7.20
CA LEU B 134 29.87 8.65 7.30
C LEU B 134 31.10 8.63 6.39
N ASP B 135 31.80 7.50 6.38
CA ASP B 135 33.02 7.35 5.58
C ASP B 135 32.84 8.04 4.23
N PRO B 136 33.87 8.79 3.78
CA PRO B 136 33.79 9.51 2.50
C PRO B 136 33.89 8.54 1.31
N GLN B 137 33.80 7.24 1.61
CA GLN B 137 33.82 6.15 0.63
C GLN B 137 32.43 5.50 0.54
N CYS B 138 31.46 6.11 1.21
CA CYS B 138 30.07 5.68 1.23
C CYS B 138 29.24 6.85 0.72
N HIS B 139 28.42 6.60 -0.30
CA HIS B 139 27.64 7.68 -0.90
C HIS B 139 26.15 7.35 -1.21
N LEU B 140 25.49 6.65 -0.27
CA LEU B 140 24.09 6.23 -0.40
C LEU B 140 23.13 7.34 -0.77
N GLU B 141 22.09 7.02 -1.55
CA GLU B 141 21.08 7.98 -1.98
C GLU B 141 19.70 7.68 -1.43
N LYS B 142 19.39 6.42 -1.23
CA LYS B 142 18.07 6.08 -0.76
C LYS B 142 18.25 5.12 0.40
N LEU B 143 17.73 5.52 1.56
CA LEU B 143 17.87 4.73 2.74
C LEU B 143 16.52 4.43 3.32
N GLN B 144 16.23 3.17 3.57
CA GLN B 144 14.97 2.84 4.13
C GLN B 144 15.10 2.02 5.40
N LEU B 145 14.62 2.58 6.53
CA LEU B 145 14.68 1.98 7.89
C LEU B 145 13.38 1.89 8.69
N GLU B 146 12.33 1.43 8.03
CA GLU B 146 10.99 1.25 8.59
C GLU B 146 10.87 0.02 9.49
N TYR B 147 9.94 0.06 10.45
CA TYR B 147 9.74 -1.02 11.41
C TYR B 147 11.09 -1.59 11.95
N CYS B 148 11.99 -0.72 12.42
CA CYS B 148 13.29 -1.15 12.93
C CYS B 148 13.50 -1.10 14.46
N ARG B 149 12.44 -0.80 15.20
CA ARG B 149 12.54 -0.73 16.65
C ARG B 149 13.53 0.34 17.05
N LEU B 150 13.50 1.42 16.27
CA LEU B 150 14.36 2.54 16.49
C LEU B 150 13.66 3.52 17.35
N THR B 151 14.23 3.79 18.50
CA THR B 151 13.63 4.77 19.35
C THR B 151 14.31 6.06 18.94
N ALA B 152 14.10 7.11 19.74
CA ALA B 152 14.66 8.44 19.47
C ALA B 152 16.18 8.52 19.60
N ALA B 153 16.77 7.54 20.26
CA ALA B 153 18.21 7.48 20.46
C ALA B 153 18.90 7.45 19.10
N SER B 154 18.26 6.79 18.16
CA SER B 154 18.79 6.68 16.83
C SER B 154 18.86 8.01 16.08
N CYS B 155 18.18 9.04 16.55
CA CYS B 155 18.17 10.33 15.86
C CYS B 155 19.41 11.17 15.82
N GLU B 156 20.17 11.24 16.91
CA GLU B 156 21.38 12.07 16.88
C GLU B 156 22.43 11.55 15.87
N PRO B 157 22.71 10.22 15.88
CA PRO B 157 23.69 9.65 14.94
C PRO B 157 23.29 9.73 13.48
N LEU B 158 22.00 9.89 13.25
CA LEU B 158 21.47 10.01 11.92
C LEU B 158 21.56 11.48 11.58
N ALA B 159 21.18 12.33 12.53
CA ALA B 159 21.26 13.77 12.33
C ALA B 159 22.70 14.01 11.93
N SER B 160 23.58 13.24 12.55
CA SER B 160 25.01 13.32 12.29
C SER B 160 25.35 12.88 10.89
N VAL B 161 24.83 11.73 10.45
CA VAL B 161 25.08 11.23 9.10
C VAL B 161 24.61 12.26 8.06
N LEU B 162 23.53 12.95 8.40
CA LEU B 162 22.95 13.98 7.55
C LEU B 162 23.76 15.24 7.37
N ARG B 163 24.20 15.82 8.48
CA ARG B 163 25.00 17.04 8.41
C ARG B 163 26.30 16.85 7.62
N ALA B 164 26.70 15.59 7.40
CA ALA B 164 27.93 15.25 6.67
C ALA B 164 27.72 14.81 5.21
N THR B 165 26.50 14.35 4.91
CA THR B 165 26.15 13.90 3.56
C THR B 165 25.56 15.00 2.67
N ARG B 166 25.56 14.71 1.38
CA ARG B 166 25.03 15.60 0.37
C ARG B 166 24.58 14.71 -0.79
N ALA B 167 24.60 13.41 -0.53
CA ALA B 167 24.22 12.40 -1.50
C ALA B 167 22.73 12.02 -1.45
N LEU B 168 22.27 11.62 -0.26
CA LEU B 168 20.90 11.16 0.01
C LEU B 168 19.77 11.91 -0.69
N LYS B 169 18.94 11.16 -1.40
CA LYS B 169 17.78 11.66 -2.13
C LYS B 169 16.48 11.13 -1.53
N GLU B 170 16.57 10.02 -0.82
CA GLU B 170 15.37 9.41 -0.26
C GLU B 170 15.63 8.89 1.13
N LEU B 171 14.78 9.28 2.07
CA LEU B 171 14.91 8.79 3.44
C LEU B 171 13.52 8.36 3.90
N THR B 172 13.43 7.18 4.48
CA THR B 172 12.18 6.62 4.92
C THR B 172 12.42 5.99 6.27
N VAL B 173 11.95 6.61 7.36
CA VAL B 173 12.18 6.00 8.67
C VAL B 173 10.86 5.57 9.33
N SER B 174 9.78 5.63 8.57
CA SER B 174 8.45 5.26 9.04
C SER B 174 8.30 4.05 9.99
N ASN B 175 7.36 4.13 10.91
CA ASN B 175 7.07 3.07 11.84
C ASN B 175 8.12 2.75 12.88
N ASN B 176 8.64 3.80 13.48
CA ASN B 176 9.64 3.70 14.52
C ASN B 176 9.23 4.76 15.54
N ASP B 177 9.06 4.37 16.79
CA ASP B 177 8.63 5.32 17.81
C ASP B 177 9.78 6.22 18.21
N ILE B 178 9.98 7.28 17.44
CA ILE B 178 11.02 8.25 17.75
C ILE B 178 10.49 9.47 18.56
N GLY B 179 9.20 9.79 18.42
CA GLY B 179 8.57 10.88 19.16
C GLY B 179 8.89 12.30 18.73
N GLU B 180 8.44 13.28 19.52
CA GLU B 180 8.65 14.70 19.20
C GLU B 180 10.10 15.18 19.32
N ALA B 181 10.77 14.69 20.35
CA ALA B 181 12.14 15.05 20.66
C ALA B 181 13.14 14.57 19.61
N GLY B 182 13.04 13.30 19.28
CA GLY B 182 13.94 12.72 18.29
C GLY B 182 13.86 13.33 16.92
N ALA B 183 12.63 13.53 16.44
CA ALA B 183 12.34 14.12 15.14
C ALA B 183 12.80 15.57 15.09
N ARG B 184 12.90 16.21 16.26
CA ARG B 184 13.41 17.57 16.31
C ARG B 184 14.92 17.44 16.11
N VAL B 185 15.56 16.52 16.82
CA VAL B 185 16.99 16.29 16.68
C VAL B 185 17.30 15.99 15.23
N LEU B 186 16.36 15.30 14.61
CA LEU B 186 16.45 14.93 13.20
C LEU B 186 16.08 16.09 12.27
N GLY B 187 15.01 16.82 12.60
CA GLY B 187 14.57 17.93 11.79
C GLY B 187 15.68 18.96 11.78
N GLN B 188 16.37 19.07 12.91
CA GLN B 188 17.48 20.01 13.04
C GLN B 188 18.61 19.64 12.10
N GLY B 189 19.03 18.38 12.20
CA GLY B 189 20.11 17.87 11.37
C GLY B 189 19.83 18.05 9.90
N LEU B 190 18.60 17.74 9.51
CA LEU B 190 18.17 17.86 8.14
C LEU B 190 18.39 19.30 7.63
N ALA B 191 18.12 20.24 8.52
CA ALA B 191 18.27 21.66 8.24
C ALA B 191 19.70 22.05 7.87
N ASP B 192 20.67 21.55 8.65
CA ASP B 192 22.08 21.87 8.44
C ASP B 192 22.71 20.86 7.47
N SER B 193 21.92 20.35 6.51
CA SER B 193 22.41 19.37 5.50
C SER B 193 22.46 19.83 4.05
N ALA B 194 23.51 19.39 3.35
CA ALA B 194 23.78 19.75 1.96
C ALA B 194 23.01 19.02 0.90
N CYS B 195 22.35 17.94 1.28
CA CYS B 195 21.59 17.18 0.30
C CYS B 195 20.26 17.77 -0.12
N GLN B 196 19.82 17.31 -1.28
CA GLN B 196 18.56 17.73 -1.84
C GLN B 196 17.75 16.45 -1.94
N LEU B 197 16.79 16.32 -1.04
CA LEU B 197 15.97 15.14 -0.99
C LEU B 197 14.88 15.28 -1.99
N GLU B 198 14.33 14.14 -2.35
CA GLU B 198 13.25 14.07 -3.30
C GLU B 198 12.11 13.42 -2.59
N THR B 199 12.42 12.48 -1.71
CA THR B 199 11.37 11.79 -0.99
C THR B 199 11.70 11.68 0.48
N LEU B 200 10.72 12.02 1.32
CA LEU B 200 10.87 11.94 2.76
C LEU B 200 9.62 11.29 3.32
N ARG B 201 9.80 10.19 4.04
CA ARG B 201 8.66 9.50 4.61
C ARG B 201 8.83 9.33 6.08
N LEU B 202 7.75 9.60 6.82
CA LEU B 202 7.73 9.49 8.27
C LEU B 202 6.38 9.04 8.82
N GLU B 203 5.92 7.83 8.49
CA GLU B 203 4.63 7.34 8.98
C GLU B 203 4.69 6.85 10.44
N ASN B 204 3.56 6.89 11.14
CA ASN B 204 3.42 6.40 12.54
C ASN B 204 4.76 6.49 13.26
N CYS B 205 5.28 7.70 13.29
CA CYS B 205 6.55 8.04 13.93
C CYS B 205 6.35 8.85 15.18
N GLY B 206 5.09 9.20 15.45
CA GLY B 206 4.78 9.98 16.63
C GLY B 206 5.05 11.46 16.61
N LEU B 207 4.88 12.15 15.49
CA LEU B 207 5.11 13.58 15.54
C LEU B 207 3.91 14.25 16.19
N THR B 208 4.10 15.52 16.47
CA THR B 208 3.08 16.34 17.08
C THR B 208 3.10 17.67 16.32
N PRO B 209 2.08 18.48 16.50
CA PRO B 209 1.97 19.80 15.84
C PRO B 209 3.29 20.53 15.94
N ALA B 210 3.96 20.33 17.07
CA ALA B 210 5.24 20.95 17.37
C ALA B 210 6.29 20.70 16.31
N ASN B 211 6.29 19.49 15.76
CA ASN B 211 7.28 19.12 14.75
C ASN B 211 7.00 19.73 13.41
N CYS B 212 5.76 20.10 13.15
CA CYS B 212 5.43 20.70 11.88
C CYS B 212 6.22 21.99 11.78
N LYS B 213 6.25 22.74 12.88
CA LYS B 213 6.96 24.02 12.94
C LYS B 213 8.38 23.89 12.42
N ASP B 214 9.04 22.79 12.80
CA ASP B 214 10.40 22.51 12.35
C ASP B 214 10.40 22.11 10.86
N LEU B 215 9.43 21.29 10.44
CA LEU B 215 9.35 20.87 9.05
C LEU B 215 9.19 22.04 8.10
N CYS B 216 8.36 22.99 8.53
CA CYS B 216 8.05 24.20 7.81
C CYS B 216 9.28 24.75 7.09
N GLY B 217 10.45 24.57 7.68
CA GLY B 217 11.64 25.08 7.06
C GLY B 217 12.09 24.24 5.90
N ILE B 218 12.26 22.95 6.15
CA ILE B 218 12.74 22.00 5.15
C ILE B 218 11.95 22.06 3.88
N VAL B 219 10.65 21.94 4.04
CA VAL B 219 9.71 21.97 2.94
C VAL B 219 9.89 23.25 2.13
N ALA B 220 9.86 24.38 2.81
CA ALA B 220 10.00 25.66 2.16
C ALA B 220 11.31 25.83 1.43
N SER B 221 12.31 25.05 1.81
CA SER B 221 13.62 25.18 1.19
C SER B 221 14.11 24.05 0.32
N GLN B 222 13.65 22.83 0.56
CA GLN B 222 14.11 21.71 -0.26
C GLN B 222 13.37 21.74 -1.61
N ALA B 223 14.04 22.25 -2.63
CA ALA B 223 13.42 22.36 -3.97
C ALA B 223 13.32 21.03 -4.71
N SER B 224 14.09 20.06 -4.25
CA SER B 224 14.12 18.74 -4.84
C SER B 224 13.11 17.78 -4.19
N LEU B 225 12.35 18.30 -3.23
CA LEU B 225 11.38 17.49 -2.52
C LEU B 225 10.10 17.29 -3.30
N ARG B 226 9.87 16.06 -3.70
CA ARG B 226 8.68 15.73 -4.47
C ARG B 226 7.64 15.03 -3.68
N GLU B 227 8.05 14.19 -2.76
CA GLU B 227 7.07 13.52 -1.95
C GLU B 227 7.38 13.69 -0.51
N LEU B 228 6.33 14.01 0.20
CA LEU B 228 6.37 14.21 1.62
C LEU B 228 5.27 13.35 2.17
N ASP B 229 5.64 12.22 2.73
CA ASP B 229 4.65 11.31 3.29
C ASP B 229 4.65 11.43 4.83
N LEU B 230 3.63 12.06 5.40
CA LEU B 230 3.50 12.29 6.85
C LEU B 230 2.39 11.53 7.57
N GLY B 231 1.76 10.57 6.92
CA GLY B 231 0.65 9.88 7.55
C GLY B 231 0.80 9.25 8.91
N SER B 232 -0.34 9.04 9.56
CA SER B 232 -0.48 8.44 10.89
C SER B 232 0.24 9.16 12.06
N ASN B 233 0.15 10.48 12.06
CA ASN B 233 0.77 11.30 13.07
C ASN B 233 -0.24 12.33 13.52
N GLY B 234 -0.64 12.29 14.78
CA GLY B 234 -1.61 13.26 15.26
C GLY B 234 -1.12 14.71 15.22
N LEU B 235 -1.03 15.32 14.04
CA LEU B 235 -0.58 16.69 13.92
C LEU B 235 -1.78 17.56 14.16
N GLY B 236 -2.91 17.08 13.69
CA GLY B 236 -4.14 17.82 13.84
C GLY B 236 -4.14 19.12 13.06
N ASP B 237 -5.21 19.88 13.22
CA ASP B 237 -5.36 21.14 12.51
C ASP B 237 -4.20 22.16 12.72
N ALA B 238 -3.75 22.30 13.95
CA ALA B 238 -2.67 23.24 14.29
C ALA B 238 -1.39 22.98 13.50
N GLY B 239 -0.96 21.71 13.50
CA GLY B 239 0.25 21.32 12.80
C GLY B 239 0.15 21.69 11.34
N ILE B 240 -1.01 21.39 10.75
CA ILE B 240 -1.28 21.70 9.35
C ILE B 240 -1.06 23.17 9.16
N ALA B 241 -1.76 23.95 9.98
CA ALA B 241 -1.69 25.38 9.94
C ALA B 241 -0.24 25.81 10.02
N GLU B 242 0.47 25.20 10.95
CA GLU B 242 1.87 25.54 11.13
C GLU B 242 2.70 25.11 9.93
N LEU B 243 2.17 24.16 9.17
CA LEU B 243 2.87 23.62 8.02
C LEU B 243 2.81 24.38 6.68
N CYS B 244 1.71 25.08 6.42
CA CYS B 244 1.53 25.84 5.18
C CYS B 244 2.53 26.91 4.80
N PRO B 245 2.96 27.76 5.75
CA PRO B 245 3.91 28.78 5.38
C PRO B 245 5.03 28.26 4.50
N GLY B 246 5.49 27.05 4.80
CA GLY B 246 6.57 26.45 4.04
C GLY B 246 6.15 25.89 2.70
N LEU B 247 4.92 25.42 2.62
CA LEU B 247 4.39 24.87 1.38
C LEU B 247 4.15 25.93 0.36
N LEU B 248 3.83 27.15 0.82
CA LEU B 248 3.62 28.26 -0.10
C LEU B 248 4.93 28.77 -0.61
N SER B 249 6.01 28.39 0.08
CA SER B 249 7.37 28.79 -0.28
C SER B 249 7.53 28.65 -1.76
N PRO B 250 7.90 29.73 -2.43
CA PRO B 250 8.09 29.72 -3.87
C PRO B 250 9.07 28.66 -4.40
N ALA B 251 9.96 28.12 -3.55
CA ALA B 251 10.94 27.13 -4.02
C ALA B 251 10.53 25.68 -3.78
N SER B 252 9.35 25.47 -3.20
CA SER B 252 8.80 24.15 -2.92
C SER B 252 7.97 23.66 -4.10
N ARG B 253 8.29 22.47 -4.62
CA ARG B 253 7.56 21.85 -5.75
C ARG B 253 7.05 20.47 -5.34
N LEU B 254 6.57 20.36 -4.12
CA LEU B 254 6.07 19.10 -3.59
C LEU B 254 4.97 18.58 -4.50
N LYS B 255 5.20 17.39 -5.06
CA LYS B 255 4.24 16.78 -5.95
C LYS B 255 3.26 15.92 -5.19
N THR B 256 3.78 15.16 -4.25
CA THR B 256 2.97 14.23 -3.51
C THR B 256 3.02 14.50 -2.00
N LEU B 257 1.86 14.81 -1.43
CA LEU B 257 1.70 15.04 0.00
C LEU B 257 0.76 14.01 0.62
N TRP B 258 1.27 13.15 1.47
CA TRP B 258 0.46 12.12 2.09
C TRP B 258 0.09 12.59 3.49
N LEU B 259 -1.18 12.75 3.82
CA LEU B 259 -1.57 13.19 5.16
C LEU B 259 -2.73 12.40 5.74
N TRP B 260 -2.70 11.09 5.59
CA TRP B 260 -3.80 10.31 6.11
C TRP B 260 -3.70 10.07 7.63
N GLU B 261 -4.84 9.92 8.28
CA GLU B 261 -4.92 9.72 9.73
C GLU B 261 -3.95 10.63 10.53
N CYS B 262 -4.12 11.93 10.33
CA CYS B 262 -3.33 12.96 10.99
C CYS B 262 -4.15 13.93 11.88
N ASP B 263 -5.38 13.54 12.21
CA ASP B 263 -6.24 14.36 13.05
C ASP B 263 -6.76 15.70 12.51
N ILE B 264 -6.88 15.79 11.20
CA ILE B 264 -7.39 16.99 10.58
C ILE B 264 -8.90 16.91 10.47
N THR B 265 -9.56 18.05 10.62
CA THR B 265 -11.02 18.13 10.54
C THR B 265 -11.29 19.29 9.57
N ALA B 266 -12.51 19.79 9.49
CA ALA B 266 -12.80 20.91 8.59
C ALA B 266 -11.75 22.04 8.64
N SER B 267 -11.48 22.55 9.84
CA SER B 267 -10.53 23.64 10.08
C SER B 267 -9.26 23.54 9.24
N GLY B 268 -8.58 22.41 9.35
CA GLY B 268 -7.34 22.19 8.61
C GLY B 268 -7.42 22.25 7.09
N CYS B 269 -8.55 21.89 6.50
CA CYS B 269 -8.66 21.93 5.03
C CYS B 269 -8.60 23.37 4.57
N ARG B 270 -9.28 24.23 5.33
CA ARG B 270 -9.35 25.67 5.06
C ARG B 270 -7.93 26.18 4.85
N ASP B 271 -7.02 25.71 5.70
CA ASP B 271 -5.60 26.07 5.63
C ASP B 271 -4.95 25.45 4.39
N LEU B 272 -5.37 24.23 4.04
CA LEU B 272 -4.86 23.51 2.87
C LEU B 272 -5.35 24.02 1.52
N CYS B 273 -6.59 24.47 1.50
CA CYS B 273 -7.19 24.96 0.28
C CYS B 273 -6.51 26.19 -0.27
N ARG B 274 -5.95 27.03 0.61
CA ARG B 274 -5.24 28.22 0.13
C ARG B 274 -4.02 27.77 -0.65
N VAL B 275 -3.57 26.55 -0.37
CA VAL B 275 -2.42 25.96 -1.05
C VAL B 275 -2.83 25.48 -2.43
N LEU B 276 -3.86 24.64 -2.51
CA LEU B 276 -4.31 24.12 -3.81
C LEU B 276 -4.52 25.29 -4.76
N GLN B 277 -5.14 26.35 -4.25
CA GLN B 277 -5.40 27.52 -5.04
C GLN B 277 -4.10 28.17 -5.46
N ALA B 278 -3.09 28.10 -4.60
CA ALA B 278 -1.81 28.75 -4.84
C ALA B 278 -0.79 27.95 -5.64
N LYS B 279 -0.83 26.65 -5.39
CA LYS B 279 0.12 25.75 -5.96
C LYS B 279 -0.35 24.89 -7.11
N GLU B 280 0.20 25.23 -8.26
CA GLU B 280 -0.07 24.55 -9.51
C GLU B 280 0.85 23.34 -9.61
N THR B 281 1.69 23.15 -8.62
CA THR B 281 2.63 22.04 -8.59
C THR B 281 2.16 20.85 -7.79
N LEU B 282 1.16 21.05 -6.93
CA LEU B 282 0.69 19.94 -6.12
C LEU B 282 -0.26 19.07 -6.93
N LYS B 283 0.16 17.82 -7.11
CA LYS B 283 -0.56 16.84 -7.90
C LYS B 283 -1.33 15.75 -7.14
N GLU B 284 -0.65 14.91 -6.35
CA GLU B 284 -1.33 13.83 -5.60
C GLU B 284 -1.48 14.27 -4.17
N LEU B 285 -2.46 13.72 -3.44
CA LEU B 285 -2.72 14.13 -2.05
C LEU B 285 -3.69 13.22 -1.25
N SER B 286 -3.19 12.44 -0.29
CA SER B 286 -4.10 11.59 0.49
C SER B 286 -4.57 12.27 1.79
N LEU B 287 -5.85 12.07 2.15
CA LEU B 287 -6.43 12.60 3.39
C LEU B 287 -7.30 11.54 4.07
N ALA B 288 -7.14 10.28 3.66
CA ALA B 288 -7.91 9.17 4.19
C ALA B 288 -7.84 9.07 5.71
N GLY B 289 -8.94 8.66 6.32
CA GLY B 289 -8.95 8.51 7.78
C GLY B 289 -9.38 9.74 8.55
N ASN B 290 -8.95 10.90 8.07
CA ASN B 290 -9.25 12.19 8.69
C ASN B 290 -10.75 12.42 8.71
N LYS B 291 -11.30 12.91 9.83
CA LYS B 291 -12.73 13.17 9.90
C LYS B 291 -13.06 14.56 9.39
N LEU B 292 -13.02 14.72 8.07
CA LEU B 292 -13.30 15.98 7.36
C LEU B 292 -14.78 16.26 7.30
N GLY B 293 -15.60 15.20 7.28
CA GLY B 293 -17.03 15.36 7.19
C GLY B 293 -17.46 16.04 5.89
N ASP B 294 -18.76 16.17 5.70
CA ASP B 294 -19.31 16.82 4.51
C ASP B 294 -18.83 18.26 4.30
N GLU B 295 -18.59 18.99 5.39
CA GLU B 295 -18.15 20.36 5.30
C GLU B 295 -16.67 20.43 4.85
N GLY B 296 -15.89 19.43 5.27
CA GLY B 296 -14.50 19.37 4.86
C GLY B 296 -14.58 19.21 3.38
N ALA B 297 -15.54 18.38 2.94
CA ALA B 297 -15.80 18.14 1.53
C ALA B 297 -16.17 19.45 0.79
N ARG B 298 -17.28 20.09 1.22
CA ARG B 298 -17.75 21.36 0.62
C ARG B 298 -16.53 22.22 0.30
N LEU B 299 -15.69 22.37 1.31
CA LEU B 299 -14.45 23.13 1.25
C LEU B 299 -13.46 22.86 0.16
N LEU B 300 -13.02 21.61 0.08
CA LEU B 300 -12.06 21.19 -0.93
C LEU B 300 -12.56 21.48 -2.31
N CYS B 301 -13.84 21.22 -2.52
CA CYS B 301 -14.47 21.46 -3.81
C CYS B 301 -14.26 22.87 -4.33
N GLU B 302 -14.51 23.86 -3.50
CA GLU B 302 -14.32 25.24 -3.89
C GLU B 302 -12.97 25.54 -4.56
N SER B 303 -11.91 24.85 -4.15
CA SER B 303 -10.60 25.14 -4.73
C SER B 303 -10.25 24.29 -5.94
N LEU B 304 -11.01 23.22 -6.12
CA LEU B 304 -10.82 22.37 -7.29
C LEU B 304 -11.53 23.04 -8.48
N LEU B 305 -12.24 24.14 -8.19
CA LEU B 305 -12.92 24.94 -9.20
C LEU B 305 -12.05 26.12 -9.62
N GLN B 306 -11.20 26.61 -8.72
CA GLN B 306 -10.29 27.70 -9.05
C GLN B 306 -9.39 27.02 -10.06
N PRO B 307 -9.58 27.29 -11.35
CA PRO B 307 -8.84 26.72 -12.49
C PRO B 307 -7.32 26.69 -12.34
N GLY B 308 -6.80 27.53 -11.44
CA GLY B 308 -5.36 27.56 -11.21
C GLY B 308 -4.94 26.33 -10.42
N CYS B 309 -5.92 25.61 -9.88
CA CYS B 309 -5.68 24.39 -9.11
C CYS B 309 -5.57 23.21 -10.06
N GLN B 310 -4.39 22.63 -10.17
CA GLN B 310 -4.17 21.54 -11.10
C GLN B 310 -3.85 20.20 -10.46
N LEU B 311 -4.60 19.89 -9.42
CA LEU B 311 -4.43 18.63 -8.68
C LEU B 311 -5.10 17.51 -9.48
N GLU B 312 -4.39 16.40 -9.62
CA GLU B 312 -4.85 15.22 -10.36
C GLU B 312 -5.44 14.06 -9.53
N SER B 313 -4.70 13.56 -8.55
CA SER B 313 -5.21 12.45 -7.72
C SER B 313 -5.59 12.86 -6.30
N LEU B 314 -6.87 12.74 -5.91
CA LEU B 314 -7.35 13.08 -4.56
C LEU B 314 -7.94 11.86 -3.79
N TRP B 315 -7.41 11.49 -2.61
CA TRP B 315 -7.94 10.35 -1.82
C TRP B 315 -8.65 10.72 -0.48
N VAL B 316 -9.95 10.44 -0.36
CA VAL B 316 -10.69 10.70 0.86
C VAL B 316 -11.38 9.42 1.35
N LYS B 317 -10.61 8.35 1.33
CA LYS B 317 -11.09 7.07 1.80
C LYS B 317 -11.41 7.30 3.26
N SER B 318 -12.57 6.87 3.72
CA SER B 318 -12.88 6.98 5.12
C SER B 318 -12.74 8.38 5.78
N CYS B 319 -13.39 9.41 5.23
CA CYS B 319 -13.29 10.75 5.79
C CYS B 319 -14.59 11.29 6.32
N SER B 320 -15.39 10.42 6.93
CA SER B 320 -16.69 10.82 7.48
C SER B 320 -17.59 11.63 6.53
N LEU B 321 -17.72 11.18 5.28
CA LEU B 321 -18.58 11.87 4.34
C LEU B 321 -19.87 11.08 4.30
N THR B 322 -20.91 11.72 3.81
CA THR B 322 -22.22 11.10 3.68
C THR B 322 -22.78 11.64 2.39
N ALA B 323 -24.02 11.27 2.10
CA ALA B 323 -24.70 11.76 0.91
C ALA B 323 -24.64 13.27 0.74
N ALA B 324 -24.76 13.99 1.84
CA ALA B 324 -24.76 15.45 1.81
C ALA B 324 -23.62 16.17 1.09
N CYS B 325 -22.54 15.46 0.78
CA CYS B 325 -21.40 16.09 0.09
C CYS B 325 -21.43 15.88 -1.42
N CYS B 326 -22.17 14.85 -1.86
CA CYS B 326 -22.29 14.47 -3.26
C CYS B 326 -22.82 15.55 -4.14
N GLN B 327 -23.72 16.36 -3.60
CA GLN B 327 -24.27 17.45 -4.36
C GLN B 327 -23.14 18.37 -4.75
N HIS B 328 -22.16 18.51 -3.85
CA HIS B 328 -21.00 19.37 -4.10
C HIS B 328 -19.97 18.62 -4.90
N VAL B 329 -19.71 17.40 -4.46
CA VAL B 329 -18.73 16.54 -5.11
C VAL B 329 -18.99 16.49 -6.61
N SER B 330 -20.27 16.31 -6.96
CA SER B 330 -20.72 16.19 -8.34
C SER B 330 -20.58 17.46 -9.14
N LEU B 331 -20.99 18.58 -8.55
CA LEU B 331 -20.87 19.86 -9.24
C LEU B 331 -19.43 20.12 -9.63
N MET B 332 -18.52 19.82 -8.73
CA MET B 332 -17.11 20.02 -9.00
C MET B 332 -16.71 19.19 -10.21
N LEU B 333 -17.06 17.90 -10.15
CA LEU B 333 -16.77 16.92 -11.18
C LEU B 333 -17.13 17.30 -12.60
N THR B 334 -18.21 18.04 -12.76
CA THR B 334 -18.63 18.44 -14.08
C THR B 334 -17.82 19.57 -14.68
N GLN B 335 -17.42 20.53 -13.84
CA GLN B 335 -16.67 21.68 -14.29
C GLN B 335 -15.14 21.62 -14.22
N ASN B 336 -14.62 20.73 -13.38
CA ASN B 336 -13.17 20.58 -13.18
C ASN B 336 -12.43 19.81 -14.27
N LYS B 337 -11.48 20.49 -14.91
CA LYS B 337 -10.71 19.91 -16.00
C LYS B 337 -9.31 19.33 -15.65
N HIS B 338 -9.02 19.09 -14.37
CA HIS B 338 -7.70 18.61 -13.99
C HIS B 338 -7.66 17.33 -13.10
N LEU B 339 -8.74 17.05 -12.39
CA LEU B 339 -8.79 15.90 -11.48
C LEU B 339 -9.10 14.58 -12.19
N LEU B 340 -8.23 13.57 -12.03
CA LEU B 340 -8.43 12.28 -12.69
C LEU B 340 -8.75 11.09 -11.86
N GLU B 341 -8.36 11.11 -10.59
CA GLU B 341 -8.61 9.97 -9.74
C GLU B 341 -9.34 10.40 -8.46
N LEU B 342 -10.28 9.57 -7.99
CA LEU B 342 -11.07 9.90 -6.80
C LEU B 342 -11.41 8.72 -5.93
N GLN B 343 -10.77 8.65 -4.78
CA GLN B 343 -11.01 7.59 -3.84
C GLN B 343 -12.05 8.08 -2.85
N LEU B 344 -13.24 7.55 -2.92
CA LEU B 344 -14.31 7.95 -2.04
C LEU B 344 -14.74 6.77 -1.21
N SER B 345 -13.93 5.73 -1.24
CA SER B 345 -14.23 4.51 -0.55
C SER B 345 -14.45 4.59 0.95
N SER B 346 -15.22 3.65 1.46
CA SER B 346 -15.50 3.55 2.88
C SER B 346 -16.08 4.82 3.43
N ASN B 347 -16.98 5.40 2.66
CA ASN B 347 -17.67 6.59 3.07
C ASN B 347 -19.11 6.19 2.85
N LYS B 348 -19.97 6.47 3.82
CA LYS B 348 -21.39 6.14 3.71
C LYS B 348 -22.12 7.10 2.75
N LEU B 349 -21.90 6.91 1.45
CA LEU B 349 -22.56 7.73 0.46
C LEU B 349 -23.94 7.14 0.16
N GLY B 350 -24.04 5.81 0.19
CA GLY B 350 -25.30 5.15 -0.08
C GLY B 350 -25.78 5.25 -1.52
N ASP B 351 -26.88 4.60 -1.83
CA ASP B 351 -27.36 4.66 -3.18
C ASP B 351 -27.58 6.07 -3.69
N SER B 352 -28.22 6.90 -2.89
CA SER B 352 -28.49 8.29 -3.26
C SER B 352 -27.27 9.10 -3.63
N GLY B 353 -26.17 8.93 -2.91
CA GLY B 353 -24.98 9.70 -3.23
C GLY B 353 -24.39 9.29 -4.55
N ILE B 354 -24.38 7.99 -4.79
CA ILE B 354 -23.83 7.46 -6.00
C ILE B 354 -24.47 8.08 -7.23
N GLN B 355 -25.80 8.19 -7.19
CA GLN B 355 -26.55 8.72 -8.31
C GLN B 355 -26.21 10.12 -8.78
N GLU B 356 -26.09 11.07 -7.85
CA GLU B 356 -25.73 12.44 -8.22
C GLU B 356 -24.40 12.39 -8.94
N LEU B 357 -23.53 11.50 -8.48
CA LEU B 357 -22.24 11.34 -9.10
C LEU B 357 -22.49 10.89 -10.54
N CYS B 358 -23.22 9.78 -10.69
CA CYS B 358 -23.56 9.22 -12.00
C CYS B 358 -24.11 10.26 -12.97
N GLN B 359 -25.00 11.13 -12.50
CA GLN B 359 -25.58 12.15 -13.35
C GLN B 359 -24.55 13.19 -13.70
N ALA B 360 -23.82 13.63 -12.69
CA ALA B 360 -22.80 14.65 -12.88
C ALA B 360 -21.80 14.14 -13.89
N LEU B 361 -21.26 12.97 -13.60
CA LEU B 361 -20.27 12.33 -14.44
C LEU B 361 -20.77 11.98 -15.82
N SER B 362 -22.04 11.62 -15.93
CA SER B 362 -22.56 11.27 -17.24
C SER B 362 -22.71 12.47 -18.19
N GLN B 363 -22.53 13.68 -17.68
CA GLN B 363 -22.64 14.85 -18.54
C GLN B 363 -21.51 14.79 -19.56
N PRO B 364 -21.59 15.63 -20.60
CA PRO B 364 -20.58 15.71 -21.67
C PRO B 364 -19.30 16.38 -21.23
N GLY B 365 -18.17 15.89 -21.73
CA GLY B 365 -16.88 16.48 -21.37
C GLY B 365 -16.22 16.11 -20.04
N THR B 366 -16.89 15.29 -19.22
CA THR B 366 -16.31 14.88 -17.96
C THR B 366 -14.89 14.35 -18.18
N THR B 367 -14.09 14.38 -17.13
CA THR B 367 -12.69 14.00 -17.22
C THR B 367 -12.22 12.92 -16.25
N LEU B 368 -12.89 12.80 -15.12
CA LEU B 368 -12.50 11.82 -14.11
C LEU B 368 -12.31 10.48 -14.79
N ARG B 369 -11.13 9.91 -14.64
CA ARG B 369 -10.85 8.62 -15.25
C ARG B 369 -11.01 7.50 -14.26
N VAL B 370 -10.86 7.80 -12.98
CA VAL B 370 -10.97 6.77 -11.93
C VAL B 370 -11.92 7.21 -10.82
N LEU B 371 -12.81 6.33 -10.37
CA LEU B 371 -13.73 6.67 -9.32
C LEU B 371 -13.83 5.43 -8.50
N CYS B 372 -13.33 5.50 -7.27
CA CYS B 372 -13.41 4.32 -6.46
C CYS B 372 -14.49 4.53 -5.43
N LEU B 373 -15.58 3.82 -5.62
CA LEU B 373 -16.71 3.91 -4.73
C LEU B 373 -16.64 2.66 -3.93
N GLY B 374 -15.43 2.25 -3.64
CA GLY B 374 -15.27 1.07 -2.81
C GLY B 374 -15.96 1.29 -1.47
N ASP B 375 -16.60 0.26 -0.95
CA ASP B 375 -17.32 0.29 0.33
C ASP B 375 -18.07 1.57 0.68
N CYS B 376 -19.10 1.89 -0.10
CA CYS B 376 -19.87 3.07 0.16
C CYS B 376 -21.34 2.76 0.33
N GLU B 377 -21.67 1.54 0.69
CA GLU B 377 -23.07 1.18 0.91
C GLU B 377 -23.98 1.22 -0.34
N VAL B 378 -23.44 0.78 -1.47
CA VAL B 378 -24.19 0.75 -2.73
C VAL B 378 -24.86 -0.63 -2.81
N THR B 379 -26.13 -0.67 -3.25
CA THR B 379 -26.90 -1.93 -3.40
C THR B 379 -27.19 -2.26 -4.87
N ASN B 380 -27.94 -3.34 -5.06
CA ASN B 380 -28.36 -3.78 -6.37
C ASN B 380 -29.06 -2.62 -7.07
N SER B 381 -29.84 -1.87 -6.30
CA SER B 381 -30.57 -0.76 -6.87
C SER B 381 -29.67 0.41 -7.28
N GLY B 382 -28.43 0.42 -6.80
CA GLY B 382 -27.50 1.50 -7.12
C GLY B 382 -26.68 1.24 -8.36
N CYS B 383 -26.60 -0.03 -8.72
CA CYS B 383 -25.89 -0.40 -9.93
C CYS B 383 -26.73 0.06 -11.13
N SER B 384 -28.00 0.35 -10.87
CA SER B 384 -28.89 0.85 -11.91
C SER B 384 -28.53 2.29 -12.33
N SER B 385 -27.89 3.05 -11.43
CA SER B 385 -27.49 4.41 -11.75
C SER B 385 -26.13 4.33 -12.38
N LEU B 386 -25.35 3.40 -11.85
CA LEU B 386 -24.02 3.17 -12.32
C LEU B 386 -24.17 2.66 -13.76
N ALA B 387 -25.21 1.86 -14.00
CA ALA B 387 -25.49 1.31 -15.32
C ALA B 387 -25.72 2.40 -16.36
N SER B 388 -26.67 3.31 -16.12
CA SER B 388 -26.94 4.43 -17.03
C SER B 388 -25.68 5.24 -17.17
N LEU B 389 -24.95 5.39 -16.06
CA LEU B 389 -23.68 6.11 -16.04
C LEU B 389 -22.71 5.52 -17.04
N LEU B 390 -22.47 4.22 -16.95
CA LEU B 390 -21.53 3.54 -17.84
C LEU B 390 -21.83 3.73 -19.32
N LEU B 391 -23.09 3.94 -19.65
CA LEU B 391 -23.50 4.13 -21.04
C LEU B 391 -23.14 5.53 -21.52
N ALA B 392 -23.61 6.55 -20.79
CA ALA B 392 -23.39 7.96 -21.14
C ALA B 392 -21.99 8.63 -20.91
N ASN B 393 -21.24 8.17 -19.91
CA ASN B 393 -19.93 8.78 -19.63
C ASN B 393 -18.91 8.18 -20.57
N ARG B 394 -18.02 9.02 -21.11
CA ARG B 394 -16.98 8.54 -22.02
C ARG B 394 -15.58 8.48 -21.34
N SER B 395 -15.37 9.36 -20.36
CA SER B 395 -14.10 9.49 -19.62
C SER B 395 -13.58 8.39 -18.69
N LEU B 396 -14.48 7.70 -18.02
CA LEU B 396 -14.07 6.66 -17.07
C LEU B 396 -13.33 5.45 -17.60
N ARG B 397 -12.12 5.21 -17.07
CA ARG B 397 -11.32 4.03 -17.41
C ARG B 397 -11.38 2.98 -16.29
N GLU B 398 -11.64 3.39 -15.05
CA GLU B 398 -11.69 2.42 -13.97
C GLU B 398 -12.80 2.82 -12.99
N LEU B 399 -13.51 1.82 -12.46
CA LEU B 399 -14.58 2.04 -11.50
C LEU B 399 -14.43 0.98 -10.45
N ASP B 400 -13.98 1.34 -9.26
CA ASP B 400 -13.86 0.36 -8.21
C ASP B 400 -15.19 0.43 -7.44
N LEU B 401 -15.71 -0.74 -7.10
CA LEU B 401 -16.99 -0.88 -6.39
C LEU B 401 -16.94 -2.09 -5.48
N SER B 402 -15.74 -2.53 -5.12
CA SER B 402 -15.57 -3.70 -4.26
C SER B 402 -16.17 -3.36 -2.92
N ASN B 403 -16.48 -4.39 -2.14
CA ASN B 403 -17.05 -4.20 -0.78
C ASN B 403 -18.32 -3.41 -0.64
N ASN B 404 -19.31 -3.73 -1.46
CA ASN B 404 -20.59 -3.06 -1.41
C ASN B 404 -21.67 -4.12 -1.21
N CYS B 405 -22.93 -3.74 -1.21
CA CYS B 405 -24.01 -4.72 -1.02
C CYS B 405 -24.61 -5.17 -2.36
N VAL B 406 -23.74 -5.30 -3.34
CA VAL B 406 -24.07 -5.71 -4.68
C VAL B 406 -24.15 -7.26 -4.79
N GLY B 407 -25.06 -7.73 -5.65
CA GLY B 407 -25.27 -9.16 -5.87
C GLY B 407 -25.51 -9.43 -7.35
N ASP B 408 -26.26 -10.48 -7.64
CA ASP B 408 -26.50 -10.83 -9.02
C ASP B 408 -27.17 -9.73 -9.86
N PRO B 409 -28.35 -9.25 -9.46
CA PRO B 409 -29.01 -8.21 -10.25
C PRO B 409 -28.20 -6.96 -10.46
N GLY B 410 -27.29 -6.69 -9.51
CA GLY B 410 -26.45 -5.52 -9.61
C GLY B 410 -25.49 -5.69 -10.77
N VAL B 411 -24.68 -6.76 -10.71
CA VAL B 411 -23.72 -7.05 -11.76
C VAL B 411 -24.42 -7.10 -13.08
N LEU B 412 -25.46 -7.92 -13.16
CA LEU B 412 -26.21 -8.04 -14.39
C LEU B 412 -26.52 -6.67 -14.99
N GLN B 413 -26.86 -5.70 -14.17
CA GLN B 413 -27.16 -4.39 -14.71
C GLN B 413 -25.88 -3.71 -15.14
N LEU B 414 -24.77 -4.12 -14.56
CA LEU B 414 -23.52 -3.51 -14.95
C LEU B 414 -23.18 -4.11 -16.28
N LEU B 415 -23.27 -5.44 -16.38
CA LEU B 415 -22.98 -6.16 -17.61
C LEU B 415 -23.83 -5.64 -18.81
N GLY B 416 -25.12 -5.43 -18.61
CA GLY B 416 -25.97 -4.91 -19.66
C GLY B 416 -25.22 -3.79 -20.36
N SER B 417 -24.66 -2.86 -19.58
CA SER B 417 -23.91 -1.70 -20.11
C SER B 417 -22.52 -2.01 -20.67
N LEU B 418 -21.84 -2.98 -20.07
CA LEU B 418 -20.51 -3.34 -20.51
C LEU B 418 -20.60 -4.10 -21.84
N GLU B 419 -21.53 -5.02 -21.93
CA GLU B 419 -21.75 -5.82 -23.13
C GLU B 419 -22.15 -4.99 -24.34
N GLN B 420 -22.58 -3.75 -24.13
CA GLN B 420 -22.96 -2.87 -25.24
C GLN B 420 -21.75 -2.54 -26.09
N PRO B 421 -21.92 -1.79 -27.19
CA PRO B 421 -20.74 -1.48 -28.02
C PRO B 421 -19.92 -0.25 -27.64
N GLY B 422 -20.58 0.87 -27.33
CA GLY B 422 -19.85 2.09 -27.00
C GLY B 422 -19.16 2.31 -25.65
N CYS B 423 -19.27 1.35 -24.72
CA CYS B 423 -18.70 1.39 -23.37
C CYS B 423 -17.19 1.60 -23.38
N ALA B 424 -16.72 2.66 -22.73
CA ALA B 424 -15.31 3.02 -22.71
C ALA B 424 -14.49 2.47 -21.53
N LEU B 425 -15.18 2.00 -20.50
CA LEU B 425 -14.52 1.44 -19.32
C LEU B 425 -13.45 0.39 -19.68
N GLU B 426 -12.47 0.18 -18.79
CA GLU B 426 -11.37 -0.81 -18.95
C GLU B 426 -11.32 -1.84 -17.82
N GLN B 427 -11.46 -1.39 -16.57
CA GLN B 427 -11.44 -2.29 -15.42
C GLN B 427 -12.63 -1.97 -14.58
N LEU B 428 -13.29 -2.99 -14.07
CA LEU B 428 -14.42 -2.80 -13.21
C LEU B 428 -13.92 -3.56 -12.04
N VAL B 429 -13.67 -2.89 -10.92
CA VAL B 429 -13.13 -3.61 -9.79
C VAL B 429 -14.21 -4.02 -8.81
N LEU B 430 -14.39 -5.33 -8.63
CA LEU B 430 -15.39 -5.87 -7.72
C LEU B 430 -14.84 -6.96 -6.80
N TYR B 431 -13.82 -6.66 -6.00
CA TYR B 431 -13.23 -7.64 -5.06
C TYR B 431 -14.27 -7.92 -3.98
N ASP B 432 -14.25 -9.10 -3.37
CA ASP B 432 -15.21 -9.40 -2.29
C ASP B 432 -16.70 -9.33 -2.56
N THR B 433 -17.07 -9.56 -3.82
CA THR B 433 -18.46 -9.54 -4.20
C THR B 433 -18.88 -10.98 -4.60
N TYR B 434 -20.09 -11.36 -4.19
CA TYR B 434 -20.61 -12.69 -4.46
C TYR B 434 -21.64 -12.75 -5.58
N TRP B 435 -21.46 -13.73 -6.45
CA TRP B 435 -22.35 -13.97 -7.56
C TRP B 435 -22.21 -15.44 -7.90
N THR B 436 -23.26 -15.98 -8.51
CA THR B 436 -23.30 -17.39 -8.86
C THR B 436 -22.88 -17.75 -10.29
N GLU B 437 -22.70 -19.04 -10.48
CA GLU B 437 -22.30 -19.61 -11.76
C GLU B 437 -22.96 -18.93 -12.96
N GLU B 438 -24.29 -18.83 -12.95
CA GLU B 438 -25.04 -18.23 -14.06
C GLU B 438 -24.40 -16.93 -14.48
N VAL B 439 -24.18 -16.07 -13.49
CA VAL B 439 -23.57 -14.77 -13.70
C VAL B 439 -22.08 -14.89 -14.06
N GLU B 440 -21.36 -15.71 -13.31
CA GLU B 440 -19.94 -15.93 -13.54
C GLU B 440 -19.69 -16.41 -14.97
N ASP B 441 -20.66 -17.11 -15.53
CA ASP B 441 -20.57 -17.60 -16.90
C ASP B 441 -20.73 -16.42 -17.83
N ARG B 442 -21.76 -15.62 -17.60
CA ARG B 442 -21.99 -14.43 -18.42
C ARG B 442 -20.79 -13.51 -18.32
N LEU B 443 -20.09 -13.63 -17.20
CA LEU B 443 -18.89 -12.85 -16.94
C LEU B 443 -17.77 -13.42 -17.77
N GLN B 444 -17.46 -14.70 -17.56
CA GLN B 444 -16.42 -15.33 -18.34
C GLN B 444 -16.78 -15.25 -19.82
N ALA B 445 -18.05 -14.96 -20.08
CA ALA B 445 -18.56 -14.82 -21.43
C ALA B 445 -18.38 -13.41 -21.98
N LEU B 446 -18.74 -12.41 -21.19
CA LEU B 446 -18.55 -11.03 -21.62
C LEU B 446 -17.04 -10.84 -21.66
N GLU B 447 -16.35 -11.50 -20.74
CA GLU B 447 -14.89 -11.42 -20.69
C GLU B 447 -14.31 -12.12 -21.93
N GLY B 448 -15.22 -12.67 -22.75
CA GLY B 448 -14.84 -13.34 -23.98
C GLY B 448 -15.03 -12.42 -25.20
N SER B 449 -16.18 -11.75 -25.25
CA SER B 449 -16.54 -10.84 -26.33
C SER B 449 -15.59 -9.63 -26.45
N LYS B 450 -15.36 -8.97 -25.32
CA LYS B 450 -14.47 -7.82 -25.23
C LYS B 450 -13.44 -8.27 -24.21
N PRO B 451 -12.28 -8.73 -24.69
CA PRO B 451 -11.17 -9.24 -23.85
C PRO B 451 -10.26 -8.14 -23.26
N GLY B 452 -10.39 -6.93 -23.82
CA GLY B 452 -9.62 -5.77 -23.39
C GLY B 452 -10.30 -4.98 -22.27
N LEU B 453 -11.20 -5.68 -21.59
CA LEU B 453 -11.96 -5.17 -20.47
C LEU B 453 -11.78 -6.26 -19.41
N ARG B 454 -11.22 -5.86 -18.27
CA ARG B 454 -11.00 -6.79 -17.18
C ARG B 454 -11.99 -6.50 -16.06
N VAL B 455 -12.51 -7.56 -15.48
CA VAL B 455 -13.42 -7.46 -14.38
C VAL B 455 -12.70 -8.25 -13.30
N ILE B 456 -12.12 -7.52 -12.33
CA ILE B 456 -11.33 -8.13 -11.25
C ILE B 456 -12.05 -8.44 -9.95
N SER B 457 -11.64 -9.53 -9.31
CA SER B 457 -12.22 -10.04 -8.07
C SER B 457 -11.26 -11.07 -7.47
S SO4 C . -14.22 -13.24 -2.35
O1 SO4 C . -14.18 -14.49 -1.65
O2 SO4 C . -12.91 -12.76 -2.67
O3 SO4 C . -14.85 -12.30 -1.50
O4 SO4 C . -14.96 -13.33 -3.57
#